data_5B7C
#
_entry.id   5B7C
#
_cell.length_a   114.322
_cell.length_b   114.322
_cell.length_c   63.927
_cell.angle_alpha   90.00
_cell.angle_beta   90.00
_cell.angle_gamma   120.00
#
_symmetry.space_group_name_H-M   'P 64 2 2'
#
loop_
_entity.id
_entity.type
_entity.pdbx_description
1 polymer 'S-crystallin OctvuS4'
2 non-polymer GLUTATHIONE
3 non-polymer 'SULFATE ION'
4 water water
#
_entity_poly.entity_id   1
_entity_poly.type   'polypeptide(L)'
_entity_poly.pdbx_seq_one_letter_code
;MGSSHHHHHHSSGLVPRGSHMPSYTLHYFNHRGRAEICRMLFAAAGVQYNDRRIESSEWDSMRNKMPCHMMPMLELDNRT
QIPQSMAMARYLAREFGFHGRNNMEMARVDFISDCFYDILDDYMRMYFDGNCRMMFQRSRDTSSSSEKRMRFQETCRRIL
PFMERTLEMYSGGSQYFMGDQMTMADMMCYCALENPLMEEPSMLSSYPKLMALRNRVMNHSKMSSYLQRRCRTEF
;
_entity_poly.pdbx_strand_id   A
#
# COMPACT_ATOMS: atom_id res chain seq x y z
N PRO A 22 -12.64 -17.57 8.10
CA PRO A 22 -12.04 -16.75 9.15
C PRO A 22 -12.60 -15.30 9.22
N SER A 23 -12.26 -14.58 10.28
CA SER A 23 -12.77 -13.23 10.49
C SER A 23 -11.62 -12.18 10.49
N TYR A 24 -11.84 -11.06 9.82
CA TYR A 24 -10.81 -10.02 9.69
C TYR A 24 -11.27 -8.66 10.19
N THR A 25 -10.38 -8.02 10.95
CA THR A 25 -10.55 -6.64 11.36
C THR A 25 -9.26 -5.88 11.03
N LEU A 26 -9.41 -4.79 10.30
CA LEU A 26 -8.31 -3.89 9.99
C LEU A 26 -8.42 -2.66 10.89
N HIS A 27 -7.39 -2.40 11.70
CA HIS A 27 -7.33 -1.18 12.54
C HIS A 27 -6.44 -0.14 11.94
N TYR A 28 -6.94 1.08 11.80
CA TYR A 28 -6.14 2.20 11.29
C TYR A 28 -6.91 3.47 11.54
N PHE A 29 -6.30 4.59 11.11
CA PHE A 29 -6.97 5.88 11.11
C PHE A 29 -7.91 5.97 9.91
N ASN A 30 -8.64 7.08 9.80
CA ASN A 30 -9.43 7.33 8.61
C ASN A 30 -8.55 7.77 7.43
N HIS A 31 -7.53 6.97 7.12
CA HIS A 31 -6.57 7.31 6.04
C HIS A 31 -6.49 6.16 5.09
N ARG A 32 -6.08 6.46 3.85
CA ARG A 32 -5.59 5.39 2.97
C ARG A 32 -4.26 4.92 3.56
N GLY A 33 -3.23 5.78 3.51
CA GLY A 33 -1.99 5.55 4.27
C GLY A 33 -1.40 4.15 4.15
N ARG A 34 -0.95 3.60 5.28
CA ARG A 34 -0.22 2.33 5.25
C ARG A 34 -1.15 1.12 5.20
N ALA A 35 -2.41 1.30 5.54
CA ALA A 35 -3.41 0.22 5.50
C ALA A 35 -4.05 -0.01 4.12
N GLU A 36 -3.96 0.96 3.21
CA GLU A 36 -4.66 0.86 1.93
C GLU A 36 -4.29 -0.39 1.13
N ILE A 37 -3.05 -0.89 1.26
CA ILE A 37 -2.69 -2.13 0.57
C ILE A 37 -3.60 -3.29 1.00
N CYS A 38 -3.92 -3.34 2.29
CA CYS A 38 -4.78 -4.41 2.82
C CYS A 38 -6.22 -4.28 2.34
N ARG A 39 -6.72 -3.05 2.28
CA ARG A 39 -8.07 -2.83 1.80
C ARG A 39 -8.20 -3.30 0.35
N MET A 40 -7.22 -2.94 -0.48
CA MET A 40 -7.23 -3.34 -1.90
C MET A 40 -7.19 -4.87 -2.05
N LEU A 41 -6.39 -5.51 -1.20
CA LEU A 41 -6.28 -6.98 -1.12
C LEU A 41 -7.61 -7.63 -0.78
N PHE A 42 -8.30 -7.08 0.23
CA PHE A 42 -9.64 -7.55 0.61
C PHE A 42 -10.64 -7.37 -0.53
N ALA A 43 -10.58 -6.20 -1.18
CA ALA A 43 -11.48 -5.85 -2.28
C ALA A 43 -11.28 -6.78 -3.49
N ALA A 44 -10.01 -7.02 -3.84
CA ALA A 44 -9.61 -7.89 -4.94
C ALA A 44 -10.00 -9.35 -4.72
N ALA A 45 -9.93 -9.81 -3.47
CA ALA A 45 -10.26 -11.20 -3.10
C ALA A 45 -11.75 -11.40 -2.84
N GLY A 46 -12.52 -10.30 -2.81
CA GLY A 46 -13.94 -10.32 -2.48
C GLY A 46 -14.20 -10.77 -1.04
N VAL A 47 -13.33 -10.38 -0.10
CA VAL A 47 -13.43 -10.87 1.27
C VAL A 47 -13.94 -9.75 2.16
N GLN A 48 -15.04 -10.01 2.87
CA GLN A 48 -15.58 -9.05 3.83
C GLN A 48 -14.73 -8.95 5.10
N TYR A 49 -14.57 -7.73 5.62
CA TYR A 49 -13.81 -7.51 6.87
C TYR A 49 -14.41 -6.33 7.64
N ASN A 50 -14.08 -6.23 8.93
CA ASN A 50 -14.38 -5.01 9.66
C ASN A 50 -13.29 -3.93 9.41
N ASP A 51 -13.68 -2.84 8.74
CA ASP A 51 -12.74 -1.78 8.37
C ASP A 51 -12.76 -0.72 9.46
N ARG A 52 -11.96 -0.92 10.50
CA ARG A 52 -12.03 -0.07 11.69
C ARG A 52 -11.20 1.22 11.55
N ARG A 53 -11.88 2.34 11.41
CA ARG A 53 -11.24 3.65 11.23
C ARG A 53 -11.35 4.47 12.52
N ILE A 54 -10.27 4.49 13.28
CA ILE A 54 -10.23 5.04 14.63
C ILE A 54 -9.79 6.53 14.61
N GLU A 55 -10.53 7.38 15.32
CA GLU A 55 -10.13 8.78 15.49
C GLU A 55 -8.80 8.82 16.29
N SER A 56 -7.90 9.71 15.91
CA SER A 56 -6.54 9.77 16.46
C SER A 56 -6.44 9.96 17.96
N SER A 57 -7.25 10.85 18.51
CA SER A 57 -7.20 11.12 19.93
C SER A 57 -7.71 9.93 20.74
N GLU A 58 -8.73 9.23 20.23
CA GLU A 58 -9.24 8.02 20.86
C GLU A 58 -8.17 6.92 20.84
N TRP A 59 -7.52 6.72 19.69
CA TRP A 59 -6.37 5.82 19.64
C TRP A 59 -5.28 6.22 20.61
N ASP A 60 -4.99 7.51 20.64
CA ASP A 60 -3.94 8.06 21.51
C ASP A 60 -4.20 7.83 22.99
N SER A 61 -5.47 7.86 23.40
CA SER A 61 -5.79 7.73 24.83
C SER A 61 -5.68 6.28 25.33
N MET A 62 -5.69 5.33 24.39
CA MET A 62 -5.61 3.92 24.72
C MET A 62 -4.19 3.36 24.58
N ARG A 63 -3.32 4.13 23.94
CA ARG A 63 -1.98 3.69 23.60
C ARG A 63 -1.21 2.94 24.68
N ASN A 64 -1.15 3.49 25.89
CA ASN A 64 -0.40 2.86 26.97
C ASN A 64 -1.17 1.77 27.70
N LYS A 65 -2.34 1.44 27.19
CA LYS A 65 -3.20 0.42 27.80
C LYS A 65 -3.33 -0.83 26.92
N MET A 66 -2.75 -0.80 25.72
CA MET A 66 -2.90 -1.92 24.77
C MET A 66 -1.58 -2.66 24.61
N PRO A 67 -1.63 -4.00 24.58
CA PRO A 67 -0.38 -4.73 24.30
C PRO A 67 0.19 -4.37 22.92
N CYS A 68 -0.69 -4.15 21.95
CA CYS A 68 -0.26 -3.78 20.61
C CYS A 68 -0.90 -2.46 20.22
N HIS A 69 -0.07 -1.43 20.11
CA HIS A 69 -0.54 -0.07 19.86
C HIS A 69 -0.20 0.44 18.47
N MET A 70 0.71 -0.25 17.80
CA MET A 70 1.21 0.15 16.48
C MET A 70 0.11 0.15 15.41
N MET A 71 0.14 1.18 14.57
CA MET A 71 -0.81 1.34 13.49
C MET A 71 -0.09 1.28 12.17
N PRO A 72 -0.69 0.59 11.18
CA PRO A 72 -1.97 -0.14 11.20
C PRO A 72 -1.81 -1.52 11.83
N MET A 73 -2.92 -2.22 12.07
CA MET A 73 -2.83 -3.57 12.64
C MET A 73 -3.96 -4.44 12.11
N LEU A 74 -3.62 -5.69 11.78
CA LEU A 74 -4.60 -6.69 11.30
C LEU A 74 -4.93 -7.70 12.40
N GLU A 75 -6.23 -7.83 12.68
CA GLU A 75 -6.70 -8.74 13.71
C GLU A 75 -7.43 -9.93 13.09
N LEU A 76 -6.98 -11.14 13.44
CA LEU A 76 -7.52 -12.36 12.87
C LEU A 76 -8.35 -13.10 13.89
N ASP A 77 -9.59 -13.40 13.52
CA ASP A 77 -10.56 -14.16 14.34
C ASP A 77 -10.76 -13.54 15.72
N ASN A 78 -10.66 -12.22 15.81
CA ASN A 78 -10.86 -11.50 17.06
C ASN A 78 -9.89 -11.99 18.12
N ARG A 79 -8.68 -12.28 17.68
CA ARG A 79 -7.75 -13.10 18.43
C ARG A 79 -6.31 -12.59 18.24
N THR A 80 -5.74 -12.92 17.08
CA THR A 80 -4.33 -12.61 16.81
C THR A 80 -4.19 -11.21 16.21
N GLN A 81 -3.29 -10.43 16.81
CA GLN A 81 -3.01 -9.08 16.40
C GLN A 81 -1.67 -9.02 15.70
N ILE A 82 -1.69 -8.62 14.44
CA ILE A 82 -0.48 -8.54 13.65
C ILE A 82 -0.30 -7.12 13.10
N PRO A 83 0.63 -6.34 13.69
CA PRO A 83 0.89 -5.02 13.10
C PRO A 83 1.91 -5.14 11.95
N GLN A 84 2.44 -4.01 11.50
CA GLN A 84 3.45 -3.94 10.43
C GLN A 84 2.81 -4.14 9.07
N SER A 85 2.57 -3.02 8.40
CA SER A 85 1.64 -2.96 7.29
C SER A 85 2.00 -3.94 6.16
N MET A 86 3.29 -4.12 5.93
CA MET A 86 3.75 -4.97 4.84
C MET A 86 3.65 -6.47 5.25
N ALA A 87 3.90 -6.75 6.53
CA ALA A 87 3.70 -8.10 7.07
C ALA A 87 2.23 -8.49 6.95
N MET A 88 1.36 -7.52 7.25
CA MET A 88 -0.09 -7.73 7.15
C MET A 88 -0.51 -8.04 5.71
N ALA A 89 0.01 -7.21 4.79
CA ALA A 89 -0.30 -7.35 3.39
C ALA A 89 0.19 -8.67 2.80
N ARG A 90 1.40 -9.09 3.19
CA ARG A 90 1.95 -10.35 2.66
C ARG A 90 1.09 -11.54 3.09
N TYR A 91 0.55 -11.46 4.29
CA TYR A 91 -0.30 -12.51 4.84
C TYR A 91 -1.62 -12.62 4.07
N LEU A 92 -2.26 -11.48 3.84
CA LEU A 92 -3.47 -11.41 3.05
C LEU A 92 -3.21 -11.84 1.59
N ALA A 93 -2.04 -11.45 1.06
CA ALA A 93 -1.66 -11.83 -0.29
C ALA A 93 -1.48 -13.35 -0.44
N ARG A 94 -0.78 -13.97 0.51
CA ARG A 94 -0.61 -15.44 0.50
C ARG A 94 -1.94 -16.16 0.71
N GLU A 95 -2.76 -15.63 1.60
CA GLU A 95 -4.06 -16.19 1.88
C GLU A 95 -4.97 -16.13 0.64
N PHE A 96 -5.00 -14.98 -0.03
CA PHE A 96 -6.00 -14.78 -1.07
C PHE A 96 -5.49 -15.14 -2.47
N GLY A 97 -4.19 -15.40 -2.58
CA GLY A 97 -3.57 -15.76 -3.88
C GLY A 97 -3.10 -14.58 -4.70
N PHE A 98 -2.69 -13.50 -4.05
CA PHE A 98 -2.04 -12.35 -4.73
C PHE A 98 -0.57 -12.20 -4.34
N HIS A 99 0.08 -13.32 -4.07
CA HIS A 99 1.53 -13.35 -3.87
C HIS A 99 2.14 -14.29 -4.88
N GLY A 100 3.44 -14.50 -4.81
CA GLY A 100 4.13 -15.47 -5.67
C GLY A 100 3.75 -16.90 -5.31
N ARG A 101 3.98 -17.82 -6.22
CA ARG A 101 3.53 -19.20 -6.05
C ARG A 101 4.66 -20.12 -5.60
N ASN A 102 5.89 -19.63 -5.71
CA ASN A 102 7.08 -20.27 -5.16
C ASN A 102 8.04 -19.22 -4.61
N ASN A 103 9.15 -19.66 -4.05
CA ASN A 103 10.04 -18.78 -3.31
C ASN A 103 10.59 -17.62 -4.16
N MET A 104 11.08 -17.95 -5.34
CA MET A 104 11.58 -16.98 -6.31
C MET A 104 10.53 -15.90 -6.63
N GLU A 105 9.34 -16.34 -7.02
CA GLU A 105 8.23 -15.44 -7.32
C GLU A 105 7.89 -14.55 -6.13
N MET A 106 7.83 -15.13 -4.94
CA MET A 106 7.62 -14.33 -3.73
C MET A 106 8.70 -13.27 -3.48
N ALA A 107 9.97 -13.60 -3.75
CA ALA A 107 11.08 -12.66 -3.65
C ALA A 107 10.91 -11.46 -4.60
N ARG A 108 10.47 -11.75 -5.82
CA ARG A 108 10.18 -10.71 -6.80
C ARG A 108 8.99 -9.81 -6.37
N VAL A 109 7.85 -10.41 -6.02
CA VAL A 109 6.72 -9.67 -5.44
C VAL A 109 7.11 -8.79 -4.23
N ASP A 110 7.94 -9.35 -3.32
CA ASP A 110 8.46 -8.64 -2.14
C ASP A 110 9.36 -7.45 -2.45
N PHE A 111 10.38 -7.60 -3.31
CA PHE A 111 11.25 -6.46 -3.57
C PHE A 111 10.49 -5.33 -4.26
N ILE A 112 9.62 -5.67 -5.21
CA ILE A 112 8.79 -4.67 -5.86
C ILE A 112 7.93 -3.94 -4.81
N SER A 113 7.28 -4.70 -3.93
CA SER A 113 6.37 -4.10 -2.93
C SER A 113 7.15 -3.27 -1.92
N ASP A 114 8.30 -3.77 -1.49
CA ASP A 114 9.13 -3.07 -0.55
C ASP A 114 9.70 -1.75 -1.10
N CYS A 115 9.96 -1.73 -2.41
CA CYS A 115 10.39 -0.50 -3.10
C CYS A 115 9.31 0.57 -3.05
N PHE A 116 8.06 0.16 -3.29
CA PHE A 116 6.95 1.09 -3.19
C PHE A 116 6.62 1.50 -1.76
N TYR A 117 6.83 0.59 -0.80
CA TYR A 117 6.69 0.93 0.61
C TYR A 117 7.69 2.03 0.94
N ASP A 118 8.95 1.87 0.51
CA ASP A 118 9.95 2.91 0.73
C ASP A 118 9.49 4.31 0.28
N ILE A 119 8.92 4.39 -0.92
CA ILE A 119 8.37 5.64 -1.42
C ILE A 119 7.29 6.17 -0.49
N LEU A 120 6.30 5.33 -0.22
CA LEU A 120 5.21 5.68 0.69
C LEU A 120 5.71 6.08 2.10
N ASP A 121 6.64 5.31 2.64
CA ASP A 121 7.20 5.63 3.93
C ASP A 121 7.81 7.05 3.97
N ASP A 122 8.70 7.36 3.02
CA ASP A 122 9.31 8.70 2.94
C ASP A 122 8.29 9.81 2.68
N TYR A 123 7.26 9.52 1.91
CA TYR A 123 6.17 10.46 1.76
C TYR A 123 5.49 10.71 3.12
N MET A 124 5.15 9.65 3.84
CA MET A 124 4.45 9.80 5.12
C MET A 124 5.28 10.55 6.17
N ARG A 125 6.60 10.31 6.17
CA ARG A 125 7.55 11.01 7.04
C ARG A 125 7.64 12.54 6.85
N MET A 126 7.15 13.05 5.72
CA MET A 126 7.02 14.51 5.54
C MET A 126 5.95 15.08 6.47
N TYR A 127 4.93 14.28 6.77
CA TYR A 127 3.74 14.79 7.42
C TYR A 127 3.48 14.25 8.81
N PHE A 128 3.96 13.03 9.10
CA PHE A 128 3.65 12.36 10.37
C PHE A 128 4.89 11.97 11.17
N ASP A 129 4.83 12.09 12.51
CA ASP A 129 5.91 11.55 13.35
C ASP A 129 5.68 10.06 13.61
N GLY A 130 6.64 9.44 14.29
CA GLY A 130 6.61 8.02 14.60
C GLY A 130 5.54 7.63 15.61
N ASN A 131 4.90 8.63 16.21
CA ASN A 131 3.79 8.39 17.12
C ASN A 131 2.45 8.76 16.47
N CYS A 132 2.44 8.85 15.13
CA CYS A 132 1.23 9.09 14.36
C CYS A 132 0.69 10.53 14.39
N ARG A 133 1.37 11.45 15.08
CA ARG A 133 0.92 12.84 15.09
C ARG A 133 1.26 13.53 13.78
N MET A 134 0.34 14.35 13.27
CA MET A 134 0.68 15.30 12.22
C MET A 134 1.81 16.24 12.64
N MET A 135 2.79 16.39 11.74
CA MET A 135 3.84 17.40 11.85
C MET A 135 3.53 18.53 10.88
N PHE A 136 2.28 19.03 10.91
CA PHE A 136 1.88 20.22 10.16
C PHE A 136 1.52 21.33 11.14
N SER A 145 11.96 20.49 7.18
CA SER A 145 10.74 20.50 6.36
C SER A 145 11.03 20.23 4.88
N SER A 146 11.78 21.13 4.25
CA SER A 146 12.19 20.94 2.88
C SER A 146 13.16 19.78 2.76
N GLU A 147 13.77 19.41 3.89
CA GLU A 147 14.77 18.33 3.94
C GLU A 147 14.11 16.98 3.73
N LYS A 148 13.08 16.73 4.54
CA LYS A 148 12.22 15.55 4.41
C LYS A 148 11.63 15.40 3.00
N ARG A 149 11.18 16.50 2.40
CA ARG A 149 10.68 16.53 1.03
C ARG A 149 11.76 16.12 -0.01
N MET A 150 12.99 16.51 0.27
CA MET A 150 14.11 16.16 -0.60
C MET A 150 14.58 14.72 -0.45
N ARG A 151 14.52 14.19 0.76
CA ARG A 151 14.64 12.75 0.96
C ARG A 151 13.59 12.02 0.10
N PHE A 152 12.32 12.42 0.26
CA PHE A 152 11.23 11.84 -0.51
C PHE A 152 11.48 11.91 -2.03
N GLN A 153 11.89 13.07 -2.53
CA GLN A 153 12.04 13.26 -3.96
C GLN A 153 13.20 12.44 -4.47
N GLU A 154 14.28 12.41 -3.70
CA GLU A 154 15.41 11.53 -4.03
C GLU A 154 14.96 10.05 -4.08
N THR A 155 14.17 9.63 -3.08
CA THR A 155 13.67 8.26 -2.99
C THR A 155 12.88 7.89 -4.24
N CYS A 156 12.07 8.82 -4.75
CA CYS A 156 11.38 8.62 -6.04
C CYS A 156 12.34 8.44 -7.22
N ARG A 157 13.35 9.32 -7.30
CA ARG A 157 14.32 9.26 -8.41
C ARG A 157 15.15 7.97 -8.38
N ARG A 158 15.52 7.51 -7.19
CA ARG A 158 16.22 6.23 -7.04
C ARG A 158 15.41 5.00 -7.51
N ILE A 159 14.12 5.01 -7.19
CA ILE A 159 13.31 3.79 -7.17
C ILE A 159 12.45 3.63 -8.44
N LEU A 160 11.82 4.71 -8.87
CA LEU A 160 10.88 4.64 -9.97
C LEU A 160 11.47 4.15 -11.30
N PRO A 161 12.69 4.63 -11.69
CA PRO A 161 13.29 4.10 -12.94
C PRO A 161 13.58 2.62 -12.81
N PHE A 162 14.01 2.20 -11.62
CA PHE A 162 14.27 0.77 -11.36
C PHE A 162 12.98 -0.05 -11.47
N MET A 163 11.87 0.52 -11.03
CA MET A 163 10.57 -0.15 -11.11
C MET A 163 10.02 -0.23 -12.53
N GLU A 164 10.18 0.87 -13.29
CA GLU A 164 9.83 0.89 -14.71
C GLU A 164 10.56 -0.26 -15.43
N ARG A 165 11.87 -0.35 -15.26
CA ARG A 165 12.71 -1.42 -15.85
C ARG A 165 12.30 -2.82 -15.39
N THR A 166 12.06 -2.93 -14.07
CA THR A 166 11.71 -4.19 -13.42
C THR A 166 10.41 -4.69 -13.97
N LEU A 167 9.46 -3.78 -14.19
CA LEU A 167 8.18 -4.15 -14.77
C LEU A 167 8.37 -4.76 -16.18
N GLU A 168 9.27 -4.15 -16.97
CA GLU A 168 9.58 -4.60 -18.32
C GLU A 168 10.15 -6.02 -18.42
N MET A 169 10.61 -6.58 -17.31
CA MET A 169 11.13 -7.95 -17.29
C MET A 169 10.11 -8.97 -17.81
N TYR A 170 8.83 -8.78 -17.46
CA TYR A 170 7.77 -9.70 -17.92
C TYR A 170 6.82 -9.05 -18.90
N SER A 171 6.62 -9.74 -20.03
CA SER A 171 5.62 -9.39 -21.02
C SER A 171 5.85 -7.99 -21.58
N GLY A 172 7.13 -7.61 -21.65
CA GLY A 172 7.54 -6.29 -22.12
C GLY A 172 7.02 -5.19 -21.22
N GLY A 173 6.50 -5.56 -20.05
CA GLY A 173 5.92 -4.62 -19.11
C GLY A 173 4.51 -4.19 -19.52
N SER A 174 3.89 -4.94 -20.41
CA SER A 174 2.57 -4.60 -20.94
C SER A 174 1.44 -5.07 -20.03
N GLN A 175 1.77 -5.80 -18.97
CA GLN A 175 0.74 -6.40 -18.11
C GLN A 175 0.96 -6.07 -16.62
N TYR A 176 1.14 -7.08 -15.77
CA TYR A 176 1.49 -6.86 -14.36
C TYR A 176 2.93 -7.27 -14.08
N PHE A 177 3.43 -6.88 -12.90
CA PHE A 177 4.78 -7.28 -12.48
C PHE A 177 5.06 -8.78 -12.55
N MET A 178 4.03 -9.61 -12.39
CA MET A 178 4.20 -11.06 -12.44
C MET A 178 3.53 -11.66 -13.69
N GLY A 179 3.43 -10.87 -14.74
CA GLY A 179 2.90 -11.32 -16.02
C GLY A 179 1.41 -11.06 -16.10
N ASP A 180 0.64 -12.12 -16.25
CA ASP A 180 -0.79 -11.90 -16.34
C ASP A 180 -1.54 -11.97 -14.99
N GLN A 181 -0.88 -12.42 -13.91
CA GLN A 181 -1.51 -12.38 -12.58
C GLN A 181 -1.21 -11.05 -11.88
N MET A 182 -2.27 -10.35 -11.49
CA MET A 182 -2.11 -9.20 -10.60
C MET A 182 -1.74 -9.71 -9.20
N THR A 183 -0.80 -9.03 -8.56
CA THR A 183 -0.41 -9.38 -7.20
C THR A 183 -0.35 -8.11 -6.37
N MET A 184 0.02 -8.27 -5.09
CA MET A 184 0.17 -7.13 -4.20
C MET A 184 1.22 -6.12 -4.68
N ALA A 185 2.16 -6.54 -5.54
CA ALA A 185 3.15 -5.60 -6.08
C ALA A 185 2.51 -4.50 -6.93
N ASP A 186 1.56 -4.89 -7.78
CA ASP A 186 0.81 -3.94 -8.62
C ASP A 186 -0.09 -3.04 -7.77
N MET A 187 -0.68 -3.60 -6.73
CA MET A 187 -1.52 -2.83 -5.82
C MET A 187 -0.72 -1.77 -5.06
N MET A 188 0.47 -2.15 -4.59
CA MET A 188 1.42 -1.22 -3.96
C MET A 188 1.78 -0.10 -4.92
N CYS A 189 2.02 -0.44 -6.18
CA CYS A 189 2.35 0.57 -7.19
C CYS A 189 1.19 1.54 -7.29
N TYR A 190 -0.02 1.03 -7.18
CA TYR A 190 -1.19 1.90 -7.21
C TYR A 190 -1.27 2.76 -5.95
N CYS A 191 -1.45 2.14 -4.77
CA CYS A 191 -1.80 2.94 -3.58
C CYS A 191 -0.67 3.80 -3.04
N ALA A 192 0.59 3.39 -3.24
CA ALA A 192 1.76 4.12 -2.75
C ALA A 192 1.97 5.48 -3.42
N LEU A 193 1.51 5.59 -4.67
CA LEU A 193 1.70 6.78 -5.46
C LEU A 193 0.48 7.70 -5.57
N GLU A 194 -0.64 7.34 -4.94
CA GLU A 194 -1.85 8.16 -5.06
C GLU A 194 -1.65 9.58 -4.53
N ASN A 195 -1.09 9.72 -3.33
CA ASN A 195 -0.82 11.04 -2.74
C ASN A 195 0.27 11.79 -3.45
N PRO A 196 1.43 11.13 -3.70
CA PRO A 196 2.44 11.80 -4.52
C PRO A 196 1.89 12.32 -5.85
N LEU A 197 0.94 11.60 -6.45
CA LEU A 197 0.33 12.06 -7.71
C LEU A 197 -0.64 13.24 -7.52
N MET A 198 -1.29 13.31 -6.37
CA MET A 198 -2.11 14.49 -6.08
C MET A 198 -1.26 15.74 -5.87
N GLU A 199 -0.08 15.56 -5.30
CA GLU A 199 0.81 16.67 -5.06
C GLU A 199 1.56 17.11 -6.32
N GLU A 200 1.92 16.14 -7.16
CA GLU A 200 2.61 16.40 -8.43
C GLU A 200 2.08 15.46 -9.51
N PRO A 201 0.99 15.86 -10.20
CA PRO A 201 0.27 14.97 -11.15
C PRO A 201 1.11 14.52 -12.36
N SER A 202 2.26 15.15 -12.52
CA SER A 202 3.13 14.95 -13.67
C SER A 202 4.30 13.99 -13.42
N MET A 203 4.50 13.65 -12.15
CA MET A 203 5.69 12.91 -11.69
C MET A 203 5.94 11.52 -12.28
N LEU A 204 4.94 10.97 -12.98
CA LEU A 204 5.09 9.64 -13.55
C LEU A 204 5.19 9.70 -15.07
N SER A 205 5.28 10.91 -15.61
CA SER A 205 5.27 11.15 -17.05
C SER A 205 6.41 10.44 -17.79
N SER A 206 7.56 10.28 -17.13
CA SER A 206 8.63 9.54 -17.78
C SER A 206 8.68 8.05 -17.39
N TYR A 207 7.61 7.56 -16.77
CA TYR A 207 7.49 6.12 -16.51
C TYR A 207 6.18 5.64 -17.08
N PRO A 208 6.11 5.54 -18.43
CA PRO A 208 4.83 5.24 -19.08
C PRO A 208 4.27 3.87 -18.72
N LYS A 209 5.15 2.89 -18.52
CA LYS A 209 4.72 1.54 -18.10
C LYS A 209 4.09 1.55 -16.70
N LEU A 210 4.70 2.28 -15.76
CA LEU A 210 4.08 2.42 -14.44
C LEU A 210 2.66 3.00 -14.52
N MET A 211 2.46 3.99 -15.39
CA MET A 211 1.15 4.68 -15.50
C MET A 211 0.11 3.73 -16.07
N ALA A 212 0.47 3.01 -17.13
CA ALA A 212 -0.47 2.09 -17.73
C ALA A 212 -0.78 0.94 -16.76
N LEU A 213 0.19 0.57 -15.93
CA LEU A 213 -0.07 -0.45 -14.91
C LEU A 213 -1.08 0.09 -13.88
N ARG A 214 -0.84 1.28 -13.35
CA ARG A 214 -1.77 1.87 -12.39
C ARG A 214 -3.18 1.95 -12.96
N ASN A 215 -3.28 2.34 -14.22
CA ASN A 215 -4.58 2.40 -14.91
C ASN A 215 -5.21 1.00 -15.08
N ARG A 216 -4.35 0.01 -15.31
CA ARG A 216 -4.75 -1.41 -15.41
C ARG A 216 -5.29 -1.96 -14.07
N VAL A 217 -4.59 -1.64 -12.98
CA VAL A 217 -5.04 -2.00 -11.61
C VAL A 217 -6.38 -1.36 -11.25
N MET A 218 -6.50 -0.06 -11.52
CA MET A 218 -7.73 0.67 -11.18
C MET A 218 -8.98 0.25 -11.98
N ASN A 219 -8.77 -0.39 -13.13
CA ASN A 219 -9.89 -0.92 -13.94
C ASN A 219 -10.07 -2.42 -13.78
N HIS A 220 -9.28 -3.02 -12.90
CA HIS A 220 -9.34 -4.46 -12.75
C HIS A 220 -10.64 -4.84 -12.10
N SER A 221 -11.06 -6.06 -12.37
CA SER A 221 -12.28 -6.57 -11.80
C SER A 221 -12.11 -6.57 -10.30
N LYS A 222 -13.15 -6.11 -9.67
CA LYS A 222 -13.36 -5.96 -8.23
C LYS A 222 -12.78 -4.66 -7.72
N MET A 223 -11.75 -4.20 -8.39
CA MET A 223 -11.02 -3.02 -7.93
C MET A 223 -11.66 -1.69 -8.36
N SER A 224 -12.26 -1.67 -9.51
CA SER A 224 -12.89 -0.48 -10.04
C SER A 224 -13.98 0.08 -9.11
N SER A 225 -14.91 -0.77 -8.67
CA SER A 225 -16.00 -0.30 -7.84
C SER A 225 -15.55 0.07 -6.42
N TYR A 226 -14.67 -0.76 -5.83
CA TYR A 226 -14.02 -0.40 -4.56
C TYR A 226 -13.40 0.99 -4.58
N LEU A 227 -12.60 1.28 -5.60
CA LEU A 227 -11.91 2.58 -5.68
C LEU A 227 -12.87 3.73 -5.94
N GLN A 228 -13.96 3.48 -6.67
CA GLN A 228 -14.88 4.57 -6.96
C GLN A 228 -15.88 4.89 -5.84
N ARG A 229 -16.12 3.90 -4.99
CA ARG A 229 -17.01 4.07 -3.85
C ARG A 229 -16.29 4.32 -2.51
N ARG A 230 -14.96 4.34 -2.52
CA ARG A 230 -14.25 4.50 -1.25
C ARG A 230 -14.24 5.97 -0.79
N CYS A 231 -14.24 6.16 0.53
CA CYS A 231 -14.32 7.49 1.15
C CYS A 231 -13.17 8.37 0.67
N ARG A 232 -13.41 9.66 0.57
CA ARG A 232 -12.35 10.56 0.13
C ARG A 232 -11.62 11.07 1.37
N THR A 233 -10.33 10.75 1.47
CA THR A 233 -9.52 11.18 2.61
C THR A 233 -8.24 11.81 2.09
N GLU A 234 -7.69 12.77 2.83
CA GLU A 234 -6.51 13.47 2.33
C GLU A 234 -5.21 12.68 2.40
N PHE A 235 -5.11 11.70 3.30
CA PHE A 235 -4.01 10.71 3.28
C PHE A 235 -4.47 9.26 3.09
#